data_4NAX
#
_entry.id   4NAX
#
_cell.length_a   59.342
_cell.length_b   66.620
_cell.length_c   119.821
_cell.angle_alpha   90.00
_cell.angle_beta   90.00
_cell.angle_gamma   90.00
#
_symmetry.space_group_name_H-M   'P 21 21 21'
#
loop_
_entity.id
_entity.type
_entity.pdbx_description
1 polymer 'Glutathione S-transferase, N-terminal domain protein'
2 non-polymer 'OXIDIZED GLUTATHIONE DISULFIDE'
3 non-polymer GLYCEROL
4 non-polymer 'FORMIC ACID'
5 water water
#
_entity_poly.entity_id   1
_entity_poly.type   'polypeptide(L)'
_entity_poly.pdbx_seq_one_letter_code
;MTELSAFPITRKWPAKHPERLQLYSLPTPNGVKVSIMLEEIGLAYEAHKVSFDNDDQLSPEFISLSANNKIPAILDPNGP
GGQPLPLFESGAILQYLAEKSGQLLSQDPAQRYQTLQWLMFQMGGIGPMFGQVGFFHFFAGKEYEDKRPRDRYVNESKRL
LGVLDRHLKGRQWMAEEYSIADIAIFPWVRNLVERYNARDLVGFDQFKEVQRVLANFLERPAVQHGLKIPGAENLYFQGH
HHHHHHHHH
;
_entity_poly.pdbx_strand_id   A,B
#
# COMPACT_ATOMS: atom_id res chain seq x y z
N GLU A 3 22.26 9.34 19.31
CA GLU A 3 23.06 9.45 18.05
C GLU A 3 22.19 9.84 16.83
N LEU A 4 21.22 10.75 17.03
CA LEU A 4 20.37 11.15 15.89
C LEU A 4 21.14 11.97 14.88
N SER A 5 22.26 12.57 15.29
CA SER A 5 23.12 13.37 14.41
C SER A 5 23.72 12.59 13.23
N ALA A 6 23.72 11.26 13.32
CA ALA A 6 24.13 10.39 12.19
C ALA A 6 23.15 10.44 11.00
N PHE A 7 21.94 10.91 11.24
CA PHE A 7 20.91 11.01 10.22
C PHE A 7 20.86 12.45 9.71
N PRO A 8 21.25 12.67 8.44
CA PRO A 8 21.29 14.05 7.93
C PRO A 8 19.97 14.81 7.97
N ILE A 9 18.85 14.11 8.01
CA ILE A 9 17.57 14.81 8.12
C ILE A 9 17.55 15.77 9.34
N THR A 10 18.27 15.40 10.39
CA THR A 10 18.27 16.18 11.63
C THR A 10 19.06 17.47 11.49
N ARG A 11 19.85 17.61 10.43
CA ARG A 11 20.53 18.86 10.15
C ARG A 11 19.52 19.92 9.72
N LYS A 12 18.51 19.48 8.99
CA LYS A 12 17.51 20.39 8.47
C LYS A 12 16.34 20.61 9.43
N TRP A 13 15.99 19.57 10.20
CA TRP A 13 14.98 19.68 11.24
C TRP A 13 15.58 19.15 12.56
N PRO A 14 16.33 20.00 13.28
CA PRO A 14 16.94 19.51 14.52
C PRO A 14 15.93 19.04 15.54
N ALA A 15 16.32 18.04 16.32
CA ALA A 15 15.50 17.54 17.40
C ALA A 15 15.71 18.38 18.67
N LYS A 16 14.66 19.05 19.13
CA LYS A 16 14.62 19.68 20.46
CA LYS A 16 14.65 19.67 20.45
C LYS A 16 14.51 18.64 21.57
N HIS A 17 13.94 17.49 21.22
CA HIS A 17 13.67 16.42 22.16
C HIS A 17 14.16 15.13 21.53
N PRO A 18 15.48 14.93 21.55
CA PRO A 18 16.05 13.77 20.82
C PRO A 18 15.71 12.39 21.42
N GLU A 19 15.11 12.37 22.59
CA GLU A 19 14.60 11.15 23.20
C GLU A 19 13.22 10.76 22.68
N ARG A 20 12.60 11.64 21.87
CA ARG A 20 11.27 11.40 21.31
C ARG A 20 11.33 11.00 19.86
N LEU A 21 10.38 10.15 19.45
CA LEU A 21 10.15 9.89 18.04
C LEU A 21 9.99 11.21 17.29
N GLN A 22 10.68 11.30 16.17
CA GLN A 22 10.67 12.47 15.29
C GLN A 22 9.76 12.18 14.10
N LEU A 23 8.81 13.07 13.87
CA LEU A 23 7.89 12.99 12.75
C LEU A 23 8.16 14.09 11.76
N TYR A 24 8.30 13.74 10.48
CA TYR A 24 8.56 14.71 9.40
C TYR A 24 7.38 14.61 8.47
N SER A 25 6.49 15.61 8.48
CA SER A 25 5.20 15.44 7.89
C SER A 25 4.58 16.79 7.51
N LEU A 26 3.32 16.71 7.10
CA LEU A 26 2.51 17.84 6.66
C LEU A 26 1.05 17.37 6.82
N PRO A 27 0.09 18.27 7.17
CA PRO A 27 -1.30 17.81 7.33
C PRO A 27 -1.92 17.57 5.95
N THR A 28 -1.87 16.32 5.55
CA THR A 28 -2.35 15.78 4.29
C THR A 28 -2.98 14.43 4.65
N PRO A 29 -3.71 13.80 3.72
CA PRO A 29 -4.35 12.56 4.13
C PRO A 29 -3.38 11.48 4.56
N ASN A 30 -2.19 11.43 3.96
CA ASN A 30 -1.19 10.47 4.42
C ASN A 30 -0.45 10.87 5.68
N GLY A 31 -0.09 12.16 5.79
CA GLY A 31 0.58 12.63 6.98
C GLY A 31 -0.25 12.46 8.23
N VAL A 32 -1.55 12.78 8.12
CA VAL A 32 -2.39 12.74 9.31
C VAL A 32 -2.67 11.31 9.78
N LYS A 33 -2.50 10.31 8.93
CA LYS A 33 -2.61 8.94 9.42
C LYS A 33 -1.65 8.78 10.61
N VAL A 34 -0.42 9.31 10.46
CA VAL A 34 0.62 9.07 11.42
C VAL A 34 0.47 9.95 12.65
N SER A 35 0.17 11.23 12.45
CA SER A 35 -0.10 12.07 13.62
C SER A 35 -1.34 11.60 14.41
N ILE A 36 -2.39 11.20 13.71
CA ILE A 36 -3.55 10.64 14.38
C ILE A 36 -3.13 9.41 15.20
N MET A 37 -2.37 8.51 14.59
CA MET A 37 -1.94 7.32 15.29
C MET A 37 -1.17 7.67 16.57
N LEU A 38 -0.22 8.59 16.46
CA LEU A 38 0.59 8.98 17.60
C LEU A 38 -0.27 9.59 18.71
N GLU A 39 -1.24 10.42 18.31
CA GLU A 39 -2.18 10.99 19.28
C GLU A 39 -3.01 9.91 19.95
N GLU A 40 -3.48 8.92 19.19
CA GLU A 40 -4.32 7.85 19.74
C GLU A 40 -3.57 7.01 20.78
N ILE A 41 -2.31 6.68 20.49
CA ILE A 41 -1.56 5.75 21.32
C ILE A 41 -0.84 6.44 22.48
N GLY A 42 -0.77 7.76 22.44
CA GLY A 42 -0.17 8.53 23.53
C GLY A 42 1.34 8.50 23.58
N LEU A 43 1.98 8.21 22.45
CA LEU A 43 3.43 8.14 22.39
C LEU A 43 3.98 9.54 22.20
N ALA A 44 4.95 9.92 23.02
CA ALA A 44 5.60 11.22 22.85
C ALA A 44 6.20 11.32 21.46
N TYR A 45 6.07 12.48 20.82
CA TYR A 45 6.68 12.71 19.55
C TYR A 45 6.93 14.18 19.32
N GLU A 46 7.87 14.45 18.42
CA GLU A 46 8.25 15.79 18.05
C GLU A 46 7.97 15.95 16.56
N ALA A 47 6.97 16.76 16.26
CA ALA A 47 6.54 16.98 14.90
C ALA A 47 7.31 18.12 14.21
N HIS A 48 7.64 17.86 12.95
CA HIS A 48 8.35 18.80 12.11
C HIS A 48 7.62 18.98 10.81
N LYS A 49 7.39 20.24 10.44
CA LYS A 49 6.73 20.54 9.18
C LYS A 49 7.69 20.50 7.98
N VAL A 50 7.34 19.66 7.01
CA VAL A 50 8.06 19.54 5.75
C VAL A 50 7.22 20.30 4.71
N SER A 51 7.68 21.49 4.35
CA SER A 51 6.92 22.38 3.46
CA SER A 51 6.90 22.38 3.47
C SER A 51 7.17 22.08 2.00
N PHE A 52 6.11 21.70 1.29
CA PHE A 52 6.20 21.49 -0.17
C PHE A 52 6.47 22.81 -0.92
N ASP A 53 5.99 23.90 -0.37
CA ASP A 53 6.23 25.23 -0.96
C ASP A 53 7.71 25.57 -1.10
N ASN A 54 8.53 25.08 -0.15
CA ASN A 54 9.97 25.25 -0.19
C ASN A 54 10.74 24.06 -0.79
N ASP A 55 10.02 23.10 -1.40
CA ASP A 55 10.62 21.87 -1.94
C ASP A 55 11.37 21.07 -0.86
N ASP A 56 10.91 21.17 0.39
CA ASP A 56 11.60 20.53 1.54
C ASP A 56 11.70 19.02 1.32
N GLN A 57 10.65 18.45 0.74
CA GLN A 57 10.60 17.00 0.54
C GLN A 57 11.56 16.55 -0.56
N LEU A 58 12.05 17.51 -1.33
CA LEU A 58 13.06 17.21 -2.36
C LEU A 58 14.50 17.50 -1.90
N SER A 59 14.65 17.97 -0.66
CA SER A 59 15.99 18.25 -0.14
C SER A 59 16.80 16.97 0.05
N PRO A 60 18.13 17.10 -0.07
CA PRO A 60 18.98 15.93 0.15
C PRO A 60 18.83 15.41 1.59
N GLU A 61 18.67 16.32 2.54
CA GLU A 61 18.52 15.92 3.93
C GLU A 61 17.23 15.11 4.14
N PHE A 62 16.12 15.56 3.56
CA PHE A 62 14.88 14.78 3.67
C PHE A 62 14.99 13.41 2.98
N ILE A 63 15.49 13.41 1.75
CA ILE A 63 15.57 12.21 0.96
C ILE A 63 16.51 11.18 1.60
N SER A 64 17.54 11.65 2.33
CA SER A 64 18.47 10.75 2.99
C SER A 64 17.77 9.77 3.92
N LEU A 65 16.63 10.17 4.45
CA LEU A 65 15.81 9.26 5.22
C LEU A 65 14.62 8.75 4.40
N SER A 66 13.91 9.67 3.76
CA SER A 66 12.68 9.32 3.08
C SER A 66 12.95 9.21 1.58
N ALA A 67 13.36 8.02 1.15
CA ALA A 67 14.00 7.82 -0.15
C ALA A 67 13.10 8.15 -1.32
N ASN A 68 11.79 7.99 -1.14
CA ASN A 68 10.81 8.29 -2.19
C ASN A 68 10.38 9.75 -2.21
N ASN A 69 11.05 10.60 -1.44
CA ASN A 69 10.79 12.03 -1.43
C ASN A 69 9.38 12.41 -1.00
N LYS A 70 8.78 11.59 -0.14
CA LYS A 70 7.41 11.84 0.31
C LYS A 70 7.27 11.83 1.80
N ILE A 71 6.28 12.57 2.27
CA ILE A 71 5.87 12.50 3.66
C ILE A 71 4.70 11.52 3.77
N PRO A 72 4.46 10.98 4.97
CA PRO A 72 5.23 11.14 6.20
C PRO A 72 6.46 10.23 6.27
N ALA A 73 7.37 10.60 7.17
CA ALA A 73 8.53 9.78 7.52
C ALA A 73 8.77 9.98 9.00
N ILE A 74 9.40 9.00 9.63
CA ILE A 74 9.77 9.09 11.03
C ILE A 74 11.23 8.70 11.25
N LEU A 75 11.75 9.16 12.39
CA LEU A 75 13.03 8.67 12.92
C LEU A 75 12.78 8.43 14.40
N ASP A 76 12.69 7.15 14.79
CA ASP A 76 12.39 6.80 16.19
C ASP A 76 13.71 6.49 16.88
N PRO A 77 14.14 7.33 17.84
CA PRO A 77 15.39 7.01 18.53
C PRO A 77 15.30 5.70 19.31
N ASN A 78 14.09 5.35 19.74
CA ASN A 78 13.83 4.16 20.54
C ASN A 78 13.29 3.02 19.69
N GLY A 79 14.01 2.73 18.61
CA GLY A 79 13.62 1.65 17.72
C GLY A 79 14.08 0.31 18.25
N PRO A 80 13.96 -0.73 17.43
CA PRO A 80 14.42 -2.05 17.81
C PRO A 80 15.85 -1.99 18.35
N GLY A 81 16.04 -2.69 19.48
CA GLY A 81 17.31 -2.75 20.15
C GLY A 81 17.72 -1.48 20.87
N GLY A 82 16.82 -0.51 20.95
CA GLY A 82 17.17 0.81 21.46
C GLY A 82 18.02 1.63 20.51
N GLN A 83 18.04 1.23 19.23
CA GLN A 83 18.78 1.93 18.18
C GLN A 83 17.77 2.73 17.33
N PRO A 84 18.22 3.85 16.73
CA PRO A 84 17.28 4.61 15.88
C PRO A 84 16.74 3.79 14.72
N LEU A 85 15.47 4.01 14.41
CA LEU A 85 14.83 3.40 13.26
C LEU A 85 14.29 4.48 12.34
N PRO A 86 14.84 4.60 11.12
CA PRO A 86 14.24 5.44 10.08
C PRO A 86 13.14 4.68 9.38
N LEU A 87 12.06 5.36 9.00
CA LEU A 87 10.98 4.66 8.30
C LEU A 87 10.13 5.65 7.52
N PHE A 88 9.78 5.28 6.30
CA PHE A 88 8.78 6.01 5.52
C PHE A 88 7.69 5.02 5.06
N GLU A 89 6.69 5.57 4.38
CA GLU A 89 5.42 4.93 3.99
C GLU A 89 4.45 4.93 5.16
N SER A 90 3.40 5.74 5.04
CA SER A 90 2.40 5.84 6.10
C SER A 90 1.93 4.50 6.61
N GLY A 91 1.61 3.58 5.70
CA GLY A 91 1.09 2.28 6.12
C GLY A 91 2.11 1.45 6.88
N ALA A 92 3.39 1.57 6.51
CA ALA A 92 4.46 0.88 7.24
C ALA A 92 4.62 1.48 8.64
N ILE A 93 4.58 2.81 8.72
CA ILE A 93 4.65 3.51 10.00
C ILE A 93 3.48 3.13 10.89
N LEU A 94 2.28 3.05 10.35
CA LEU A 94 1.15 2.63 11.16
C LEU A 94 1.36 1.25 11.76
N GLN A 95 1.82 0.31 10.95
CA GLN A 95 2.04 -1.04 11.45
C GLN A 95 3.16 -1.04 12.50
N TYR A 96 4.25 -0.34 12.22
CA TYR A 96 5.34 -0.20 13.18
C TYR A 96 4.84 0.34 14.54
N LEU A 97 4.08 1.42 14.50
CA LEU A 97 3.59 2.03 15.73
C LEU A 97 2.60 1.16 16.47
N ALA A 98 1.75 0.44 15.74
CA ALA A 98 0.81 -0.47 16.36
C ALA A 98 1.55 -1.60 17.09
N GLU A 99 2.58 -2.13 16.44
CA GLU A 99 3.34 -3.24 17.00
C GLU A 99 4.23 -2.79 18.17
N LYS A 100 4.77 -1.59 18.07
CA LYS A 100 5.58 -1.00 19.12
C LYS A 100 4.75 -0.78 20.38
N SER A 101 3.56 -0.25 20.19
CA SER A 101 2.69 0.15 21.30
C SER A 101 1.76 -0.95 21.82
N GLY A 102 1.55 -1.97 20.99
CA GLY A 102 0.53 -2.96 21.29
C GLY A 102 -0.91 -2.48 21.15
N GLN A 103 -1.10 -1.37 20.47
CA GLN A 103 -2.43 -0.77 20.30
C GLN A 103 -2.80 -0.72 18.82
N LEU A 104 -4.10 -0.87 18.55
CA LEU A 104 -4.70 -0.58 17.25
C LEU A 104 -4.33 -1.57 16.16
N LEU A 105 -3.88 -2.74 16.57
CA LEU A 105 -3.72 -3.88 15.68
C LEU A 105 -3.87 -5.11 16.57
N SER A 106 -4.92 -5.88 16.34
CA SER A 106 -5.27 -6.98 17.22
C SER A 106 -4.14 -7.96 17.40
N GLN A 107 -4.05 -8.48 18.62
CA GLN A 107 -3.15 -9.58 18.95
C GLN A 107 -3.75 -10.93 18.53
N ASP A 108 -5.05 -10.99 18.27
CA ASP A 108 -5.66 -12.18 17.73
C ASP A 108 -5.15 -12.34 16.28
N PRO A 109 -4.54 -13.48 15.96
CA PRO A 109 -3.90 -13.57 14.66
C PRO A 109 -4.84 -13.35 13.47
N ALA A 110 -6.01 -13.97 13.49
CA ALA A 110 -6.92 -13.79 12.36
C ALA A 110 -7.29 -12.33 12.20
N GLN A 111 -7.57 -11.65 13.30
CA GLN A 111 -7.88 -10.22 13.24
C GLN A 111 -6.70 -9.35 12.82
N ARG A 112 -5.50 -9.74 13.25
CA ARG A 112 -4.29 -9.09 12.75
C ARG A 112 -4.29 -9.10 11.22
N TYR A 113 -4.50 -10.28 10.64
CA TYR A 113 -4.41 -10.40 9.18
C TYR A 113 -5.56 -9.69 8.47
N GLN A 114 -6.76 -9.74 9.02
CA GLN A 114 -7.88 -8.99 8.42
C GLN A 114 -7.59 -7.49 8.45
N THR A 115 -6.96 -7.02 9.53
CA THR A 115 -6.62 -5.60 9.63
C THR A 115 -5.57 -5.21 8.59
N LEU A 116 -4.54 -6.04 8.44
CA LEU A 116 -3.50 -5.79 7.45
C LEU A 116 -4.07 -5.82 6.02
N GLN A 117 -5.01 -6.72 5.77
CA GLN A 117 -5.72 -6.75 4.51
C GLN A 117 -6.37 -5.41 4.20
N TRP A 118 -7.14 -4.88 5.15
CA TRP A 118 -7.79 -3.61 4.89
C TRP A 118 -6.82 -2.43 4.80
N LEU A 119 -5.72 -2.49 5.54
CA LEU A 119 -4.65 -1.52 5.39
C LEU A 119 -4.05 -1.53 3.97
N MET A 120 -3.82 -2.73 3.45
CA MET A 120 -3.28 -2.87 2.09
C MET A 120 -4.29 -2.39 1.03
N PHE A 121 -5.57 -2.67 1.24
CA PHE A 121 -6.65 -2.17 0.39
C PHE A 121 -6.59 -0.64 0.34
N GLN A 122 -6.37 -0.02 1.50
CA GLN A 122 -6.23 1.42 1.55
C GLN A 122 -5.02 1.89 0.75
N MET A 123 -3.89 1.26 1.00
CA MET A 123 -2.61 1.71 0.44
C MET A 123 -2.56 1.55 -1.07
N GLY A 124 -3.19 0.50 -1.59
CA GLY A 124 -3.19 0.25 -3.03
C GLY A 124 -4.37 0.83 -3.79
N GLY A 125 -5.50 1.02 -3.10
CA GLY A 125 -6.75 1.41 -3.74
C GLY A 125 -7.18 2.80 -3.33
N ILE A 126 -7.57 2.95 -2.06
CA ILE A 126 -8.13 4.20 -1.58
C ILE A 126 -7.21 5.38 -1.83
N GLY A 127 -5.97 5.32 -1.32
CA GLY A 127 -5.06 6.46 -1.47
C GLY A 127 -4.76 6.78 -2.94
N PRO A 128 -4.29 5.78 -3.70
CA PRO A 128 -3.87 6.09 -5.06
C PRO A 128 -5.04 6.57 -5.92
N MET A 129 -6.21 5.95 -5.77
CA MET A 129 -7.35 6.30 -6.63
C MET A 129 -8.02 7.58 -6.22
N PHE A 130 -8.25 7.79 -4.92
CA PHE A 130 -8.81 9.05 -4.50
C PHE A 130 -7.88 10.19 -4.88
N GLY A 131 -6.57 9.96 -4.77
CA GLY A 131 -5.62 10.98 -5.15
C GLY A 131 -5.74 11.38 -6.61
N GLN A 132 -6.07 10.44 -7.49
CA GLN A 132 -6.26 10.77 -8.90
C GLN A 132 -7.53 11.58 -9.12
N VAL A 133 -8.57 11.33 -8.34
CA VAL A 133 -9.76 12.19 -8.39
C VAL A 133 -9.35 13.62 -8.02
N GLY A 134 -8.50 13.79 -7.00
CA GLY A 134 -8.01 15.09 -6.67
C GLY A 134 -7.32 15.75 -7.85
N PHE A 135 -6.46 15.00 -8.55
CA PHE A 135 -5.77 15.58 -9.69
C PHE A 135 -6.74 16.04 -10.78
N PHE A 136 -7.73 15.21 -11.11
CA PHE A 136 -8.64 15.45 -12.22
C PHE A 136 -9.88 16.28 -11.91
N HIS A 137 -10.07 16.61 -10.64
CA HIS A 137 -11.20 17.45 -10.22
C HIS A 137 -10.82 18.71 -9.44
N PHE A 138 -9.67 18.70 -8.79
CA PHE A 138 -9.26 19.79 -7.91
C PHE A 138 -7.94 20.46 -8.34
N PHE A 139 -6.97 19.68 -8.81
CA PHE A 139 -5.69 20.22 -9.24
C PHE A 139 -5.68 20.40 -10.78
N ALA A 140 -4.53 20.36 -11.43
CA ALA A 140 -4.44 20.80 -12.83
C ALA A 140 -5.33 20.01 -13.79
N GLY A 141 -5.48 18.72 -13.50
CA GLY A 141 -6.24 17.87 -14.42
C GLY A 141 -7.69 18.30 -14.56
N LYS A 142 -8.18 19.10 -13.62
CA LYS A 142 -9.56 19.57 -13.68
C LYS A 142 -9.84 20.40 -14.93
N GLU A 143 -8.79 20.97 -15.51
CA GLU A 143 -8.91 21.84 -16.67
C GLU A 143 -8.88 21.09 -17.98
N TYR A 144 -8.57 19.79 -17.93
CA TYR A 144 -8.44 19.02 -19.16
C TYR A 144 -9.84 18.77 -19.75
N GLU A 145 -10.00 19.07 -21.01
CA GLU A 145 -11.31 18.98 -21.66
C GLU A 145 -11.83 17.53 -21.77
N ASP A 146 -10.93 16.60 -22.08
CA ASP A 146 -11.29 15.17 -22.17
C ASP A 146 -11.46 14.65 -20.76
N LYS A 147 -12.70 14.29 -20.42
CA LYS A 147 -13.05 13.84 -19.08
C LYS A 147 -13.00 12.31 -18.91
N ARG A 148 -12.55 11.57 -19.91
CA ARG A 148 -12.45 10.12 -19.76
C ARG A 148 -11.49 9.73 -18.61
N PRO A 149 -10.33 10.41 -18.48
CA PRO A 149 -9.48 10.10 -17.32
C PRO A 149 -10.17 10.39 -15.98
N ARG A 150 -10.74 11.58 -15.83
CA ARG A 150 -11.46 11.93 -14.62
C ARG A 150 -12.49 10.83 -14.29
N ASP A 151 -13.28 10.48 -15.30
CA ASP A 151 -14.36 9.53 -15.08
C ASP A 151 -13.84 8.15 -14.67
N ARG A 152 -12.71 7.73 -15.23
CA ARG A 152 -12.06 6.48 -14.82
C ARG A 152 -11.82 6.47 -13.32
N TYR A 153 -11.22 7.53 -12.80
CA TYR A 153 -10.85 7.59 -11.39
C TYR A 153 -12.04 7.86 -10.46
N VAL A 154 -13.02 8.64 -10.94
CA VAL A 154 -14.25 8.83 -10.20
C VAL A 154 -15.01 7.50 -10.08
N ASN A 155 -15.18 6.79 -11.19
CA ASN A 155 -15.89 5.53 -11.18
C ASN A 155 -15.18 4.51 -10.30
N GLU A 156 -13.85 4.47 -10.36
CA GLU A 156 -13.12 3.55 -9.49
C GLU A 156 -13.24 3.92 -8.02
N SER A 157 -13.23 5.22 -7.73
CA SER A 157 -13.41 5.67 -6.35
C SER A 157 -14.79 5.34 -5.82
N LYS A 158 -15.82 5.50 -6.67
CA LYS A 158 -17.17 5.04 -6.32
C LYS A 158 -17.19 3.55 -6.02
N ARG A 159 -16.52 2.76 -6.86
CA ARG A 159 -16.47 1.31 -6.65
C ARG A 159 -15.84 0.98 -5.29
N LEU A 160 -14.73 1.62 -4.98
CA LEU A 160 -14.04 1.44 -3.69
C LEU A 160 -14.90 1.87 -2.51
N LEU A 161 -15.61 2.99 -2.68
CA LEU A 161 -16.56 3.40 -1.65
C LEU A 161 -17.65 2.36 -1.40
N GLY A 162 -18.11 1.72 -2.47
CA GLY A 162 -19.10 0.67 -2.36
C GLY A 162 -18.58 -0.53 -1.59
N VAL A 163 -17.33 -0.89 -1.85
CA VAL A 163 -16.70 -1.98 -1.10
C VAL A 163 -16.69 -1.63 0.39
N LEU A 164 -16.26 -0.42 0.72
CA LEU A 164 -16.27 0.02 2.09
C LEU A 164 -17.67 -0.01 2.70
N ASP A 165 -18.63 0.50 1.94
CA ASP A 165 -19.99 0.66 2.45
C ASP A 165 -20.61 -0.68 2.76
N ARG A 166 -20.47 -1.63 1.85
CA ARG A 166 -21.02 -2.96 2.05
C ARG A 166 -20.33 -3.64 3.23
N HIS A 167 -19.03 -3.44 3.36
CA HIS A 167 -18.30 -4.05 4.46
C HIS A 167 -18.76 -3.51 5.81
N LEU A 168 -19.01 -2.21 5.87
CA LEU A 168 -19.30 -1.54 7.15
C LEU A 168 -20.75 -1.69 7.62
N LYS A 169 -21.62 -2.17 6.77
CA LYS A 169 -22.99 -2.43 7.19
C LYS A 169 -23.00 -3.36 8.40
N GLY A 170 -23.65 -2.93 9.48
CA GLY A 170 -23.72 -3.74 10.70
C GLY A 170 -22.50 -3.69 11.61
N ARG A 171 -21.50 -2.89 11.24
CA ARG A 171 -20.21 -2.84 11.94
C ARG A 171 -19.90 -1.43 12.39
N GLN A 172 -19.05 -1.32 13.42
CA GLN A 172 -18.53 -0.03 13.82
C GLN A 172 -17.28 0.38 13.05
N TRP A 173 -16.41 -0.59 12.76
CA TRP A 173 -15.08 -0.33 12.21
C TRP A 173 -14.70 -1.39 11.18
N MET A 174 -13.58 -1.19 10.52
CA MET A 174 -13.16 -2.16 9.49
C MET A 174 -12.92 -3.57 10.04
N ALA A 175 -12.26 -3.64 11.19
CA ALA A 175 -12.05 -4.89 11.90
C ALA A 175 -12.87 -4.86 13.18
N GLU A 176 -12.76 -5.89 14.01
CA GLU A 176 -13.61 -6.01 15.20
C GLU A 176 -13.39 -4.90 16.22
N GLU A 177 -12.16 -4.38 16.26
CA GLU A 177 -11.84 -3.20 17.05
CA GLU A 177 -11.85 -3.21 17.06
C GLU A 177 -11.31 -2.10 16.15
N TYR A 178 -11.54 -0.85 16.56
CA TYR A 178 -10.89 0.31 15.94
C TYR A 178 -9.41 0.01 15.75
N SER A 179 -8.89 0.33 14.57
CA SER A 179 -7.54 -0.11 14.23
C SER A 179 -6.86 0.84 13.27
N ILE A 180 -5.59 0.53 13.00
CA ILE A 180 -4.84 1.23 11.98
C ILE A 180 -5.49 1.21 10.60
N ALA A 181 -6.34 0.22 10.29
CA ALA A 181 -7.05 0.25 9.00
C ALA A 181 -8.01 1.44 8.94
N ASP A 182 -8.72 1.74 10.03
CA ASP A 182 -9.60 2.90 10.06
C ASP A 182 -8.81 4.19 9.95
N ILE A 183 -7.71 4.25 10.67
CA ILE A 183 -6.85 5.43 10.66
C ILE A 183 -6.29 5.69 9.25
N ALA A 184 -6.01 4.62 8.51
CA ALA A 184 -5.51 4.78 7.15
C ALA A 184 -6.59 5.25 6.17
N ILE A 185 -7.81 4.74 6.34
CA ILE A 185 -8.87 4.96 5.36
C ILE A 185 -9.63 6.27 5.52
N PHE A 186 -10.05 6.58 6.75
CA PHE A 186 -10.99 7.69 6.89
C PHE A 186 -10.44 9.09 6.62
N PRO A 187 -9.13 9.35 6.87
CA PRO A 187 -8.60 10.65 6.41
C PRO A 187 -8.71 10.83 4.91
N TRP A 188 -8.60 9.72 4.17
CA TRP A 188 -8.75 9.79 2.72
C TRP A 188 -10.19 10.02 2.28
N VAL A 189 -11.13 9.36 2.95
CA VAL A 189 -12.54 9.61 2.67
C VAL A 189 -12.84 11.10 2.92
N ARG A 190 -12.39 11.62 4.07
CA ARG A 190 -12.55 13.04 4.37
C ARG A 190 -11.95 13.91 3.26
N ASN A 191 -10.74 13.61 2.83
CA ASN A 191 -10.08 14.42 1.83
C ASN A 191 -10.85 14.47 0.52
N LEU A 192 -11.41 13.32 0.12
CA LEU A 192 -12.16 13.21 -1.10
C LEU A 192 -13.39 14.12 -1.08
N VAL A 193 -14.11 14.13 0.04
CA VAL A 193 -15.38 14.85 0.11
C VAL A 193 -15.27 16.29 0.60
N GLU A 194 -14.16 16.64 1.25
CA GLU A 194 -13.91 17.99 1.73
C GLU A 194 -12.95 18.70 0.79
N ARG A 195 -11.65 18.50 0.98
CA ARG A 195 -10.66 19.23 0.21
C ARG A 195 -10.86 19.13 -1.30
N TYR A 196 -11.09 17.92 -1.82
CA TYR A 196 -11.18 17.79 -3.26
C TYR A 196 -12.51 18.21 -3.83
N ASN A 197 -13.47 18.54 -2.96
CA ASN A 197 -14.77 19.00 -3.44
C ASN A 197 -15.48 17.97 -4.34
N ALA A 198 -15.31 16.69 -4.02
CA ALA A 198 -15.81 15.62 -4.89
C ALA A 198 -17.02 14.88 -4.33
N ARG A 199 -17.64 15.46 -3.33
CA ARG A 199 -18.79 14.84 -2.69
CA ARG A 199 -18.80 14.85 -2.70
C ARG A 199 -19.91 14.46 -3.70
N ASP A 200 -20.29 15.41 -4.53
CA ASP A 200 -21.32 15.16 -5.54
C ASP A 200 -20.78 14.27 -6.67
N LEU A 201 -19.55 14.53 -7.08
CA LEU A 201 -18.93 13.74 -8.15
C LEU A 201 -18.94 12.22 -7.86
N VAL A 202 -18.65 11.83 -6.63
CA VAL A 202 -18.66 10.41 -6.29
C VAL A 202 -19.98 9.90 -5.72
N GLY A 203 -21.01 10.76 -5.69
CA GLY A 203 -22.32 10.36 -5.20
C GLY A 203 -22.25 9.89 -3.77
N PHE A 204 -21.58 10.67 -2.93
CA PHE A 204 -21.23 10.25 -1.57
C PHE A 204 -22.44 9.96 -0.70
N ASP A 205 -23.53 10.68 -0.95
CA ASP A 205 -24.71 10.51 -0.12
C ASP A 205 -25.33 9.12 -0.24
N GLN A 206 -24.92 8.33 -1.24
CA GLN A 206 -25.42 6.96 -1.33
C GLN A 206 -24.71 5.98 -0.37
N PHE A 207 -23.57 6.36 0.21
CA PHE A 207 -22.78 5.46 1.04
C PHE A 207 -23.03 5.76 2.51
N LYS A 208 -24.19 5.31 2.99
CA LYS A 208 -24.64 5.68 4.33
C LYS A 208 -23.78 5.10 5.43
N GLU A 209 -23.21 3.93 5.18
CA GLU A 209 -22.37 3.30 6.19
C GLU A 209 -21.02 4.01 6.28
N VAL A 210 -20.44 4.34 5.13
CA VAL A 210 -19.21 5.12 5.11
C VAL A 210 -19.42 6.47 5.81
N GLN A 211 -20.56 7.13 5.53
CA GLN A 211 -20.88 8.40 6.19
CA GLN A 211 -20.87 8.39 6.19
C GLN A 211 -20.93 8.25 7.71
N ARG A 212 -21.62 7.20 8.16
CA ARG A 212 -21.77 6.95 9.58
C ARG A 212 -20.42 6.76 10.28
N VAL A 213 -19.58 5.91 9.69
CA VAL A 213 -18.30 5.59 10.32
C VAL A 213 -17.32 6.78 10.22
N LEU A 214 -17.34 7.49 9.09
CA LEU A 214 -16.56 8.72 8.96
C LEU A 214 -16.92 9.72 10.05
N ALA A 215 -18.21 9.93 10.26
CA ALA A 215 -18.63 10.86 11.33
C ALA A 215 -18.12 10.40 12.70
N ASN A 216 -18.22 9.10 12.98
CA ASN A 216 -17.74 8.58 14.25
C ASN A 216 -16.21 8.82 14.40
N PHE A 217 -15.48 8.58 13.32
CA PHE A 217 -14.03 8.77 13.29
C PHE A 217 -13.68 10.23 13.62
N LEU A 218 -14.38 11.16 12.98
CA LEU A 218 -14.06 12.57 13.11
C LEU A 218 -14.42 13.13 14.49
N GLU A 219 -15.30 12.45 15.22
CA GLU A 219 -15.63 12.84 16.60
C GLU A 219 -14.52 12.54 17.59
N ARG A 220 -13.59 11.65 17.22
CA ARG A 220 -12.58 11.23 18.19
C ARG A 220 -11.59 12.38 18.48
N PRO A 221 -11.30 12.65 19.77
CA PRO A 221 -10.42 13.80 20.03
C PRO A 221 -9.01 13.64 19.43
N ALA A 222 -8.48 12.43 19.41
CA ALA A 222 -7.15 12.24 18.84
C ALA A 222 -7.13 12.51 17.33
N VAL A 223 -8.23 12.19 16.67
CA VAL A 223 -8.39 12.48 15.24
C VAL A 223 -8.36 13.96 15.00
N GLN A 224 -9.16 14.71 15.76
CA GLN A 224 -9.17 16.18 15.57
C GLN A 224 -7.80 16.80 15.81
N HIS A 225 -7.06 16.32 16.80
CA HIS A 225 -5.70 16.83 16.98
C HIS A 225 -4.80 16.42 15.81
N GLY A 226 -4.81 15.14 15.48
CA GLY A 226 -3.89 14.64 14.47
C GLY A 226 -4.11 15.22 13.09
N LEU A 227 -5.35 15.59 12.77
CA LEU A 227 -5.65 16.21 11.49
C LEU A 227 -4.91 17.52 11.25
N LYS A 228 -4.44 18.16 12.32
CA LYS A 228 -3.90 19.51 12.25
C LYS A 228 -2.39 19.59 12.37
N ILE A 229 -1.74 18.44 12.55
CA ILE A 229 -0.33 18.37 12.93
C ILE A 229 0.47 17.78 11.77
N PRO A 230 1.63 18.37 11.45
CA PRO A 230 2.29 19.49 12.10
C PRO A 230 1.85 20.86 11.60
N GLY A 231 1.89 21.82 12.50
CA GLY A 231 1.88 23.22 12.16
C GLY A 231 3.29 23.72 11.99
N ALA A 232 3.42 25.04 11.92
CA ALA A 232 4.70 25.67 11.61
C ALA A 232 5.52 26.08 12.84
N GLU A 233 4.96 26.05 14.05
CA GLU A 233 5.62 26.64 15.22
C GLU A 233 7.00 26.02 15.49
N ASN A 234 7.13 24.72 15.19
CA ASN A 234 8.39 24.00 15.35
C ASN A 234 9.50 24.53 14.45
N LEU A 235 9.14 25.35 13.46
CA LEU A 235 10.13 25.94 12.54
C LEU A 235 10.63 27.32 12.95
N TYR A 236 9.92 28.00 13.86
CA TYR A 236 10.08 29.45 14.03
C TYR A 236 11.38 29.87 14.68
N PHE A 237 11.82 29.16 15.71
CA PHE A 237 13.05 29.56 16.41
C PHE A 237 14.27 29.40 15.51
N GLN A 238 14.27 28.35 14.69
CA GLN A 238 15.32 28.09 13.69
CA GLN A 238 15.35 28.13 13.71
C GLN A 238 15.27 29.03 12.47
N GLY A 239 14.05 29.33 12.02
CA GLY A 239 13.84 30.19 10.85
C GLY A 239 13.73 29.39 9.56
N THR B 2 -14.95 -23.96 11.96
CA THR B 2 -15.51 -23.61 10.62
C THR B 2 -14.90 -24.54 9.56
N GLU B 3 -15.70 -24.98 8.58
CA GLU B 3 -15.21 -25.85 7.49
C GLU B 3 -15.23 -25.13 6.12
N LEU B 4 -14.49 -25.61 5.12
CA LEU B 4 -14.30 -24.84 3.87
C LEU B 4 -15.59 -24.59 3.10
N SER B 5 -16.50 -25.57 3.11
CA SER B 5 -17.82 -25.39 2.50
C SER B 5 -18.63 -24.20 3.08
N ALA B 6 -18.24 -23.71 4.26
CA ALA B 6 -18.85 -22.47 4.82
C ALA B 6 -18.52 -21.19 4.01
N PHE B 7 -17.54 -21.29 3.13
CA PHE B 7 -17.10 -20.17 2.32
C PHE B 7 -17.68 -20.37 0.92
N PRO B 8 -18.61 -19.49 0.50
CA PRO B 8 -19.27 -19.70 -0.80
C PRO B 8 -18.35 -19.69 -2.02
N ILE B 9 -17.15 -19.14 -1.89
CA ILE B 9 -16.23 -19.21 -3.02
C ILE B 9 -15.98 -20.66 -3.47
N THR B 10 -16.03 -21.58 -2.51
CA THR B 10 -15.76 -22.99 -2.79
C THR B 10 -16.88 -23.67 -3.57
N ARG B 11 -18.03 -23.02 -3.69
CA ARG B 11 -19.09 -23.52 -4.56
C ARG B 11 -18.68 -23.40 -6.02
N LYS B 12 -17.98 -22.31 -6.32
CA LYS B 12 -17.54 -22.06 -7.69
C LYS B 12 -16.18 -22.71 -8.00
N TRP B 13 -15.30 -22.75 -6.99
CA TRP B 13 -14.00 -23.42 -7.11
C TRP B 13 -13.84 -24.43 -5.97
N PRO B 14 -14.42 -25.63 -6.13
CA PRO B 14 -14.30 -26.63 -5.07
C PRO B 14 -12.85 -27.00 -4.76
N ALA B 15 -12.60 -27.29 -3.50
CA ALA B 15 -11.29 -27.75 -3.08
C ALA B 15 -11.15 -29.25 -3.35
N LYS B 16 -10.29 -29.59 -4.30
CA LYS B 16 -9.94 -31.01 -4.56
C LYS B 16 -9.04 -31.57 -3.46
N HIS B 17 -8.32 -30.66 -2.80
CA HIS B 17 -7.37 -30.98 -1.74
C HIS B 17 -7.65 -30.05 -0.56
N PRO B 18 -8.71 -30.35 0.21
CA PRO B 18 -9.17 -29.40 1.23
C PRO B 18 -8.24 -29.22 2.42
N GLU B 19 -7.21 -30.04 2.51
CA GLU B 19 -6.15 -29.89 3.53
C GLU B 19 -5.09 -28.86 3.11
N ARG B 20 -5.18 -28.37 1.87
CA ARG B 20 -4.18 -27.46 1.32
C ARG B 20 -4.74 -26.03 1.24
N LEU B 21 -3.86 -25.06 1.48
CA LEU B 21 -4.16 -23.66 1.18
C LEU B 21 -4.71 -23.54 -0.25
N GLN B 22 -5.81 -22.81 -0.36
CA GLN B 22 -6.49 -22.57 -1.62
C GLN B 22 -6.10 -21.17 -2.15
N LEU B 23 -5.62 -21.12 -3.39
CA LEU B 23 -5.21 -19.88 -4.05
C LEU B 23 -6.19 -19.62 -5.20
N TYR B 24 -6.75 -18.42 -5.23
CA TYR B 24 -7.67 -17.99 -6.29
C TYR B 24 -6.96 -16.86 -7.00
N SER B 25 -6.48 -17.14 -8.21
CA SER B 25 -5.56 -16.22 -8.86
C SER B 25 -5.57 -16.34 -10.39
N LEU B 26 -4.63 -15.63 -11.00
CA LEU B 26 -4.44 -15.58 -12.44
C LEU B 26 -3.00 -15.12 -12.64
N PRO B 27 -2.32 -15.58 -13.72
CA PRO B 27 -0.94 -15.12 -13.92
C PRO B 27 -0.95 -13.64 -14.35
N THR B 28 -0.72 -12.80 -13.37
CA THR B 28 -0.69 -11.35 -13.46
C THR B 28 0.37 -10.87 -12.47
N PRO B 29 0.77 -9.60 -12.54
CA PRO B 29 1.83 -9.18 -11.62
C PRO B 29 1.46 -9.36 -10.13
N ASN B 30 0.19 -9.14 -9.78
CA ASN B 30 -0.24 -9.32 -8.40
C ASN B 30 -0.45 -10.78 -8.04
N GLY B 31 -1.03 -11.56 -8.94
CA GLY B 31 -1.24 -12.97 -8.69
C GLY B 31 0.07 -13.72 -8.47
N VAL B 32 1.05 -13.43 -9.33
CA VAL B 32 2.30 -14.18 -9.24
C VAL B 32 3.11 -13.83 -8.00
N LYS B 33 2.86 -12.68 -7.37
CA LYS B 33 3.51 -12.42 -6.09
C LYS B 33 3.24 -13.60 -5.16
N VAL B 34 1.99 -14.05 -5.13
CA VAL B 34 1.57 -15.07 -4.19
C VAL B 34 1.99 -16.47 -4.60
N SER B 35 1.84 -16.81 -5.86
CA SER B 35 2.30 -18.12 -6.32
C SER B 35 3.83 -18.24 -6.18
N ILE B 36 4.57 -17.18 -6.52
CA ILE B 36 6.00 -17.18 -6.29
C ILE B 36 6.31 -17.40 -4.80
N MET B 37 5.64 -16.67 -3.92
CA MET B 37 5.88 -16.82 -2.50
C MET B 37 5.67 -18.27 -2.07
N LEU B 38 4.55 -18.86 -2.50
CA LEU B 38 4.23 -20.22 -2.12
C LEU B 38 5.28 -21.23 -2.62
N GLU B 39 5.75 -21.01 -3.84
CA GLU B 39 6.82 -21.83 -4.40
C GLU B 39 8.13 -21.66 -3.60
N GLU B 40 8.46 -20.42 -3.25
CA GLU B 40 9.68 -20.16 -2.48
C GLU B 40 9.68 -20.87 -1.13
N ILE B 41 8.55 -20.83 -0.43
CA ILE B 41 8.52 -21.33 0.93
C ILE B 41 8.18 -22.83 1.02
N GLY B 42 7.77 -23.44 -0.09
CA GLY B 42 7.52 -24.88 -0.16
C GLY B 42 6.23 -25.33 0.49
N LEU B 43 5.26 -24.42 0.60
CA LEU B 43 3.98 -24.74 1.20
C LEU B 43 3.06 -25.36 0.14
N ALA B 44 2.41 -26.48 0.49
CA ALA B 44 1.47 -27.11 -0.40
C ALA B 44 0.31 -26.16 -0.67
N TYR B 45 -0.17 -26.13 -1.89
CA TYR B 45 -1.35 -25.33 -2.23
C TYR B 45 -2.06 -25.87 -3.44
N GLU B 46 -3.30 -25.43 -3.57
CA GLU B 46 -4.16 -25.77 -4.68
C GLU B 46 -4.59 -24.46 -5.35
N ALA B 47 -4.17 -24.30 -6.59
CA ALA B 47 -4.42 -23.09 -7.35
C ALA B 47 -5.64 -23.22 -8.25
N HIS B 48 -6.43 -22.17 -8.27
CA HIS B 48 -7.62 -22.07 -9.07
C HIS B 48 -7.56 -20.84 -9.94
N LYS B 49 -7.84 -21.01 -11.22
CA LYS B 49 -7.86 -19.93 -12.16
C LYS B 49 -9.17 -19.15 -12.08
N VAL B 50 -9.05 -17.86 -11.78
CA VAL B 50 -10.16 -16.93 -11.78
C VAL B 50 -10.03 -16.13 -13.07
N SER B 51 -10.86 -16.49 -14.05
CA SER B 51 -10.75 -15.93 -15.38
C SER B 51 -11.37 -14.54 -15.50
N PHE B 52 -10.53 -13.56 -15.84
CA PHE B 52 -10.98 -12.20 -16.12
CA PHE B 52 -11.04 -12.21 -16.14
C PHE B 52 -11.84 -12.19 -17.40
N ASP B 53 -11.46 -13.01 -18.39
CA ASP B 53 -12.22 -13.08 -19.63
C ASP B 53 -13.67 -13.48 -19.41
N ASN B 54 -13.91 -14.26 -18.36
CA ASN B 54 -15.24 -14.69 -17.99
C ASN B 54 -15.88 -13.91 -16.85
N ASP B 55 -15.25 -12.81 -16.43
CA ASP B 55 -15.71 -11.99 -15.30
C ASP B 55 -15.85 -12.78 -14.01
N ASP B 56 -15.01 -13.80 -13.83
CA ASP B 56 -15.10 -14.64 -12.63
C ASP B 56 -14.86 -13.85 -11.35
N GLN B 57 -14.00 -12.84 -11.43
CA GLN B 57 -13.66 -12.06 -10.24
C GLN B 57 -14.80 -11.13 -9.81
N LEU B 58 -15.80 -10.99 -10.68
CA LEU B 58 -16.98 -10.20 -10.39
C LEU B 58 -18.20 -11.07 -10.01
N SER B 59 -17.99 -12.37 -9.88
CA SER B 59 -19.06 -13.27 -9.45
C SER B 59 -19.36 -13.06 -7.97
N PRO B 60 -20.63 -13.27 -7.57
CA PRO B 60 -20.93 -13.18 -6.14
C PRO B 60 -20.10 -14.17 -5.32
N GLU B 61 -19.87 -15.36 -5.86
CA GLU B 61 -19.10 -16.37 -5.15
C GLU B 61 -17.68 -15.90 -4.88
N PHE B 62 -17.03 -15.32 -5.88
CA PHE B 62 -15.67 -14.83 -5.67
C PHE B 62 -15.65 -13.68 -4.66
N ILE B 63 -16.57 -12.73 -4.84
CA ILE B 63 -16.61 -11.52 -4.02
C ILE B 63 -16.91 -11.88 -2.54
N SER B 64 -17.64 -12.97 -2.31
CA SER B 64 -17.98 -13.37 -0.94
C SER B 64 -16.74 -13.55 -0.08
N LEU B 65 -15.62 -13.92 -0.70
CA LEU B 65 -14.34 -13.94 -0.01
C LEU B 65 -13.52 -12.70 -0.33
N SER B 66 -13.35 -12.43 -1.61
CA SER B 66 -12.44 -11.37 -2.05
C SER B 66 -13.27 -10.11 -2.30
N ALA B 67 -13.47 -9.33 -1.23
CA ALA B 67 -14.52 -8.30 -1.20
C ALA B 67 -14.30 -7.18 -2.21
N ASN B 68 -13.05 -6.94 -2.60
CA ASN B 68 -12.73 -5.89 -3.58
C ASN B 68 -12.73 -6.41 -5.01
N ASN B 69 -13.25 -7.61 -5.21
CA ASN B 69 -13.37 -8.21 -6.54
C ASN B 69 -12.08 -8.34 -7.32
N LYS B 70 -10.97 -8.58 -6.60
CA LYS B 70 -9.64 -8.71 -7.21
CA LYS B 70 -9.69 -8.74 -7.25
C LYS B 70 -8.95 -9.99 -6.81
N ILE B 71 -8.09 -10.44 -7.72
CA ILE B 71 -7.11 -11.47 -7.40
C ILE B 71 -5.79 -10.80 -7.04
N PRO B 72 -4.95 -11.49 -6.26
CA PRO B 72 -5.14 -12.81 -5.65
C PRO B 72 -5.94 -12.79 -4.35
N ALA B 73 -6.46 -13.97 -4.01
CA ALA B 73 -7.06 -14.21 -2.72
C ALA B 73 -6.73 -15.63 -2.31
N ILE B 74 -6.76 -15.89 -1.01
CA ILE B 74 -6.51 -17.22 -0.48
C ILE B 74 -7.57 -17.61 0.56
N LEU B 75 -7.67 -18.92 0.75
CA LEU B 75 -8.41 -19.51 1.85
C LEU B 75 -7.55 -20.62 2.41
N ASP B 76 -6.98 -20.38 3.58
CA ASP B 76 -6.05 -21.33 4.18
C ASP B 76 -6.80 -22.16 5.22
N PRO B 77 -7.01 -23.46 4.96
CA PRO B 77 -7.67 -24.28 5.98
C PRO B 77 -6.87 -24.38 7.27
N ASN B 78 -5.56 -24.26 7.17
CA ASN B 78 -4.64 -24.37 8.33
C ASN B 78 -4.17 -22.99 8.79
N GLY B 79 -5.15 -22.12 8.98
CA GLY B 79 -4.90 -20.78 9.46
C GLY B 79 -4.60 -20.80 10.95
N PRO B 80 -4.42 -19.62 11.54
CA PRO B 80 -4.14 -19.54 12.96
C PRO B 80 -5.17 -20.31 13.79
N GLY B 81 -4.66 -21.04 14.78
CA GLY B 81 -5.51 -21.90 15.62
C GLY B 81 -6.12 -23.10 14.91
N GLY B 82 -5.62 -23.40 13.72
CA GLY B 82 -6.19 -24.46 12.89
C GLY B 82 -7.52 -24.16 12.23
N GLN B 83 -7.96 -22.89 12.25
CA GLN B 83 -9.24 -22.47 11.65
C GLN B 83 -9.00 -21.87 10.25
N PRO B 84 -9.98 -22.03 9.33
CA PRO B 84 -9.74 -21.46 8.01
C PRO B 84 -9.60 -19.94 8.03
N LEU B 85 -8.63 -19.43 7.27
CA LEU B 85 -8.38 -18.01 7.18
C LEU B 85 -8.57 -17.53 5.74
N PRO B 86 -9.57 -16.66 5.51
CA PRO B 86 -9.72 -16.01 4.21
C PRO B 86 -8.85 -14.77 4.17
N LEU B 87 -8.28 -14.45 3.02
CA LEU B 87 -7.48 -13.25 2.90
C LEU B 87 -7.36 -12.79 1.46
N PHE B 88 -7.46 -11.48 1.27
CA PHE B 88 -7.13 -10.87 -0.03
C PHE B 88 -6.13 -9.74 0.21
N GLU B 89 -5.68 -9.12 -0.89
CA GLU B 89 -4.58 -8.16 -0.98
C GLU B 89 -3.25 -8.89 -0.98
N SER B 90 -2.57 -8.85 -2.12
CA SER B 90 -1.30 -9.53 -2.27
C SER B 90 -0.32 -9.17 -1.15
N GLY B 91 -0.21 -7.89 -0.79
CA GLY B 91 0.76 -7.53 0.22
C GLY B 91 0.41 -8.11 1.59
N ALA B 92 -0.87 -8.20 1.90
CA ALA B 92 -1.27 -8.84 3.17
C ALA B 92 -0.99 -10.34 3.15
N ILE B 93 -1.27 -10.97 2.03
CA ILE B 93 -1.00 -12.40 1.86
C ILE B 93 0.51 -12.67 1.99
N LEU B 94 1.36 -11.79 1.44
CA LEU B 94 2.80 -11.98 1.58
C LEU B 94 3.23 -11.93 3.04
N GLN B 95 2.73 -10.95 3.80
CA GLN B 95 3.05 -10.91 5.23
C GLN B 95 2.53 -12.15 5.95
N TYR B 96 1.30 -12.54 5.66
CA TYR B 96 0.71 -13.73 6.27
C TYR B 96 1.57 -14.96 6.03
N LEU B 97 1.96 -15.19 4.78
CA LEU B 97 2.73 -16.38 4.46
C LEU B 97 4.13 -16.32 5.08
N ALA B 98 4.73 -15.14 5.16
CA ALA B 98 6.02 -15.00 5.80
C ALA B 98 5.92 -15.36 7.29
N GLU B 99 4.86 -14.88 7.95
CA GLU B 99 4.71 -15.13 9.37
C GLU B 99 4.31 -16.58 9.67
N LYS B 100 3.48 -17.16 8.81
CA LYS B 100 3.10 -18.56 8.92
C LYS B 100 4.31 -19.47 8.79
N SER B 101 5.14 -19.22 7.79
CA SER B 101 6.26 -20.09 7.46
C SER B 101 7.57 -19.77 8.17
N GLY B 102 7.65 -18.58 8.73
CA GLY B 102 8.93 -18.12 9.26
C GLY B 102 10.01 -18.00 8.21
N GLN B 103 9.64 -17.51 7.03
CA GLN B 103 10.57 -17.30 5.91
C GLN B 103 10.33 -15.94 5.27
N LEU B 104 11.40 -15.39 4.71
CA LEU B 104 11.36 -14.25 3.78
C LEU B 104 11.02 -12.92 4.45
N LEU B 105 11.21 -12.87 5.76
CA LEU B 105 11.34 -11.65 6.54
C LEU B 105 12.49 -11.80 7.51
N SER B 106 13.34 -10.79 7.60
CA SER B 106 14.48 -10.85 8.48
C SER B 106 14.06 -11.06 9.93
N GLN B 107 14.90 -11.79 10.67
CA GLN B 107 14.78 -11.84 12.13
C GLN B 107 15.17 -10.54 12.80
N ASP B 108 15.94 -9.71 12.11
CA ASP B 108 16.29 -8.39 12.62
C ASP B 108 15.06 -7.51 12.42
N PRO B 109 14.38 -7.10 13.51
CA PRO B 109 13.13 -6.35 13.31
C PRO B 109 13.30 -5.05 12.53
N ALA B 110 14.46 -4.40 12.66
CA ALA B 110 14.67 -3.19 11.86
C ALA B 110 14.67 -3.51 10.37
N GLN B 111 15.31 -4.61 10.00
CA GLN B 111 15.25 -5.10 8.62
C GLN B 111 13.84 -5.51 8.21
N ARG B 112 13.10 -6.16 9.11
CA ARG B 112 11.71 -6.45 8.82
C ARG B 112 10.93 -5.16 8.52
N TYR B 113 11.10 -4.12 9.32
CA TYR B 113 10.38 -2.88 9.06
C TYR B 113 10.84 -2.22 7.75
N GLN B 114 12.13 -2.26 7.44
CA GLN B 114 12.56 -1.75 6.15
C GLN B 114 11.90 -2.51 5.02
N THR B 115 11.75 -3.82 5.19
CA THR B 115 11.12 -4.65 4.19
C THR B 115 9.65 -4.25 4.02
N LEU B 116 8.94 -4.05 5.13
CA LEU B 116 7.54 -3.64 5.09
C LEU B 116 7.37 -2.25 4.47
N GLN B 117 8.30 -1.35 4.73
CA GLN B 117 8.36 -0.06 4.04
C GLN B 117 8.40 -0.24 2.52
N TRP B 118 9.35 -1.06 2.04
CA TRP B 118 9.45 -1.25 0.62
C TRP B 118 8.24 -1.98 0.02
N LEU B 119 7.64 -2.88 0.80
CA LEU B 119 6.38 -3.51 0.39
C LEU B 119 5.26 -2.47 0.21
N MET B 120 5.16 -1.51 1.14
CA MET B 120 4.18 -0.44 1.00
C MET B 120 4.48 0.48 -0.16
N PHE B 121 5.75 0.79 -0.39
CA PHE B 121 6.16 1.55 -1.57
C PHE B 121 5.67 0.85 -2.84
N GLN B 122 5.77 -0.46 -2.86
CA GLN B 122 5.29 -1.24 -3.99
C GLN B 122 3.78 -1.12 -4.10
N MET B 123 3.09 -1.36 -2.99
CA MET B 123 1.62 -1.43 -2.99
C MET B 123 0.96 -0.11 -3.32
N GLY B 124 1.57 1.00 -2.90
CA GLY B 124 1.01 2.34 -3.17
C GLY B 124 1.55 3.03 -4.41
N GLY B 125 2.76 2.68 -4.80
CA GLY B 125 3.48 3.36 -5.86
C GLY B 125 3.62 2.47 -7.09
N ILE B 126 4.47 1.45 -6.99
CA ILE B 126 4.80 0.62 -8.13
C ILE B 126 3.56 0.01 -8.80
N GLY B 127 2.76 -0.72 -8.03
CA GLY B 127 1.59 -1.36 -8.65
C GLY B 127 0.60 -0.38 -9.25
N PRO B 128 0.15 0.59 -8.44
CA PRO B 128 -0.88 1.48 -8.99
C PRO B 128 -0.39 2.28 -10.19
N MET B 129 0.84 2.78 -10.13
CA MET B 129 1.32 3.68 -11.17
CA MET B 129 1.34 3.67 -11.18
C MET B 129 1.76 2.92 -12.43
N PHE B 130 2.47 1.80 -12.27
CA PHE B 130 2.79 0.99 -13.43
C PHE B 130 1.48 0.55 -14.10
N GLY B 131 0.47 0.21 -13.29
CA GLY B 131 -0.80 -0.24 -13.85
C GLY B 131 -1.45 0.83 -14.71
N GLN B 132 -1.32 2.11 -14.31
CA GLN B 132 -1.85 3.18 -15.15
C GLN B 132 -1.08 3.36 -16.46
N VAL B 133 0.23 3.13 -16.45
CA VAL B 133 0.99 3.13 -17.69
C VAL B 133 0.43 2.04 -18.61
N GLY B 134 0.10 0.88 -18.04
CA GLY B 134 -0.54 -0.16 -18.83
C GLY B 134 -1.81 0.36 -19.49
N PHE B 135 -2.67 1.03 -18.73
CA PHE B 135 -3.92 1.50 -19.29
C PHE B 135 -3.70 2.48 -20.43
N PHE B 136 -2.79 3.43 -20.23
CA PHE B 136 -2.60 4.55 -21.17
C PHE B 136 -1.62 4.27 -22.31
N HIS B 137 -0.92 3.15 -22.27
CA HIS B 137 0.01 2.76 -23.33
C HIS B 137 -0.35 1.46 -24.03
N PHE B 138 -0.89 0.50 -23.30
CA PHE B 138 -1.09 -0.84 -23.81
C PHE B 138 -2.57 -1.20 -24.02
N PHE B 139 -3.42 -0.82 -23.06
CA PHE B 139 -4.84 -1.06 -23.14
C PHE B 139 -5.56 0.18 -23.72
N ALA B 140 -6.83 0.34 -23.44
CA ALA B 140 -7.66 1.23 -24.26
C ALA B 140 -7.35 2.72 -24.11
N GLY B 141 -6.74 3.10 -22.99
CA GLY B 141 -6.35 4.50 -22.81
C GLY B 141 -5.31 4.95 -23.82
N LYS B 142 -4.65 3.99 -24.47
CA LYS B 142 -3.69 4.33 -25.53
C LYS B 142 -4.33 5.11 -26.66
N GLU B 143 -5.65 4.99 -26.82
CA GLU B 143 -6.36 5.68 -27.91
C GLU B 143 -6.61 7.16 -27.63
N TYR B 144 -6.42 7.62 -26.41
CA TYR B 144 -6.76 8.97 -26.06
C TYR B 144 -5.76 9.94 -26.66
N GLU B 145 -6.26 10.93 -27.35
CA GLU B 145 -5.42 11.89 -28.03
C GLU B 145 -4.65 12.79 -27.05
N ASP B 146 -5.29 13.17 -25.95
CA ASP B 146 -4.64 13.95 -24.90
C ASP B 146 -3.69 13.02 -24.13
N LYS B 147 -2.39 13.26 -24.28
CA LYS B 147 -1.35 12.42 -23.66
C LYS B 147 -0.89 12.92 -22.30
N ARG B 148 -1.52 13.97 -21.78
CA ARG B 148 -1.15 14.41 -20.43
C ARG B 148 -1.36 13.32 -19.38
N PRO B 149 -2.48 12.59 -19.41
CA PRO B 149 -2.61 11.47 -18.45
C PRO B 149 -1.52 10.40 -18.63
N ARG B 150 -1.32 9.92 -19.85
CA ARG B 150 -0.26 8.97 -20.08
C ARG B 150 1.06 9.48 -19.50
N ASP B 151 1.42 10.71 -19.85
CA ASP B 151 2.72 11.22 -19.46
C ASP B 151 2.84 11.37 -17.94
N ARG B 152 1.75 11.73 -17.28
CA ARG B 152 1.73 11.81 -15.82
C ARG B 152 2.18 10.48 -15.23
N TYR B 153 1.59 9.39 -15.71
CA TYR B 153 1.86 8.07 -15.13
C TYR B 153 3.21 7.51 -15.58
N VAL B 154 3.60 7.81 -16.82
CA VAL B 154 4.92 7.43 -17.29
C VAL B 154 5.99 8.16 -16.49
N ASN B 155 5.84 9.46 -16.32
CA ASN B 155 6.84 10.22 -15.57
C ASN B 155 6.94 9.76 -14.12
N GLU B 156 5.80 9.47 -13.51
CA GLU B 156 5.82 8.97 -12.14
C GLU B 156 6.46 7.58 -12.07
N SER B 157 6.17 6.73 -13.05
CA SER B 157 6.78 5.42 -13.09
C SER B 157 8.31 5.50 -13.26
N LYS B 158 8.77 6.44 -14.11
CA LYS B 158 10.21 6.69 -14.23
C LYS B 158 10.80 7.14 -12.89
N ARG B 159 10.10 8.01 -12.18
CA ARG B 159 10.58 8.49 -10.88
C ARG B 159 10.69 7.32 -9.89
N LEU B 160 9.67 6.47 -9.86
CA LEU B 160 9.68 5.30 -8.98
C LEU B 160 10.83 4.34 -9.33
N LEU B 161 11.05 4.12 -10.61
CA LEU B 161 12.17 3.30 -11.06
C LEU B 161 13.51 3.88 -10.62
N GLY B 162 13.64 5.21 -10.64
CA GLY B 162 14.84 5.88 -10.13
C GLY B 162 15.07 5.64 -8.65
N VAL B 163 13.99 5.70 -7.89
CA VAL B 163 14.07 5.41 -6.46
C VAL B 163 14.60 3.99 -6.26
N LEU B 164 14.02 3.04 -6.99
CA LEU B 164 14.49 1.66 -6.88
C LEU B 164 15.95 1.54 -7.29
N ASP B 165 16.29 2.16 -8.40
CA ASP B 165 17.62 2.02 -8.99
C ASP B 165 18.71 2.55 -8.04
N ARG B 166 18.49 3.73 -7.49
CA ARG B 166 19.43 4.30 -6.54
C ARG B 166 19.52 3.47 -5.28
N HIS B 167 18.40 2.92 -4.85
CA HIS B 167 18.40 2.07 -3.66
C HIS B 167 19.22 0.78 -3.87
N LEU B 168 19.12 0.21 -5.06
CA LEU B 168 19.70 -1.10 -5.37
C LEU B 168 21.19 -1.04 -5.70
N LYS B 169 21.73 0.14 -5.88
CA LYS B 169 23.19 0.27 -6.13
C LYS B 169 23.96 -0.34 -4.96
N GLY B 170 24.86 -1.27 -5.28
CA GLY B 170 25.64 -1.97 -4.25
C GLY B 170 24.91 -3.02 -3.40
N ARG B 171 23.64 -3.16 -3.63
CA ARG B 171 22.83 -4.27 -3.05
CA ARG B 171 22.85 -4.31 -3.11
C ARG B 171 22.39 -5.48 -4.09
N GLN B 172 22.18 -6.60 -3.43
CA GLN B 172 21.57 -7.73 -4.12
C GLN B 172 20.06 -7.61 -4.17
N TRP B 173 19.43 -7.15 -3.08
CA TRP B 173 17.97 -7.14 -2.94
C TRP B 173 17.52 -5.87 -2.23
N MET B 174 16.21 -5.72 -2.06
CA MET B 174 15.70 -4.52 -1.44
C MET B 174 16.17 -4.37 0.01
N ALA B 175 16.15 -5.47 0.74
CA ALA B 175 16.70 -5.53 2.09
C ALA B 175 17.95 -6.41 2.04
N GLU B 176 18.60 -6.64 3.18
CA GLU B 176 19.88 -7.36 3.12
C GLU B 176 19.75 -8.80 2.63
N GLU B 177 18.62 -9.43 2.89
CA GLU B 177 18.33 -10.76 2.37
C GLU B 177 17.11 -10.67 1.46
N TYR B 178 17.03 -11.58 0.49
CA TYR B 178 15.86 -11.74 -0.36
C TYR B 178 14.62 -11.85 0.53
N SER B 179 13.56 -11.17 0.14
CA SER B 179 12.42 -11.03 1.01
C SER B 179 11.13 -10.84 0.22
N ILE B 180 10.04 -10.76 0.97
CA ILE B 180 8.75 -10.48 0.37
C ILE B 180 8.73 -9.15 -0.41
N ALA B 181 9.56 -8.17 -0.05
CA ALA B 181 9.60 -6.94 -0.83
C ALA B 181 10.05 -7.16 -2.26
N ASP B 182 11.03 -8.04 -2.46
CA ASP B 182 11.48 -8.35 -3.83
C ASP B 182 10.39 -9.07 -4.62
N ILE B 183 9.72 -10.00 -3.94
CA ILE B 183 8.65 -10.76 -4.55
C ILE B 183 7.49 -9.84 -4.95
N ALA B 184 7.23 -8.78 -4.19
CA ALA B 184 6.19 -7.82 -4.54
C ALA B 184 6.58 -6.94 -5.71
N ILE B 185 7.85 -6.54 -5.77
CA ILE B 185 8.29 -5.51 -6.72
C ILE B 185 8.62 -6.06 -8.10
N PHE B 186 9.45 -7.11 -8.17
CA PHE B 186 10.01 -7.50 -9.47
C PHE B 186 9.01 -8.05 -10.48
N PRO B 187 7.92 -8.71 -10.04
CA PRO B 187 6.92 -9.09 -11.05
C PRO B 187 6.30 -7.89 -11.74
N TRP B 188 6.19 -6.78 -11.03
CA TRP B 188 5.67 -5.56 -11.62
C TRP B 188 6.64 -4.90 -12.59
N VAL B 189 7.93 -4.88 -12.24
CA VAL B 189 8.93 -4.38 -13.17
C VAL B 189 8.91 -5.21 -14.47
N ARG B 190 8.87 -6.53 -14.33
CA ARG B 190 8.78 -7.38 -15.51
CA ARG B 190 8.75 -7.43 -15.50
C ARG B 190 7.52 -7.07 -16.33
N ASN B 191 6.38 -6.88 -15.66
CA ASN B 191 5.15 -6.61 -16.36
C ASN B 191 5.22 -5.33 -17.18
N LEU B 192 5.81 -4.29 -16.60
CA LEU B 192 5.93 -3.01 -17.24
C LEU B 192 6.71 -3.11 -18.55
N VAL B 193 7.83 -3.83 -18.51
CA VAL B 193 8.76 -3.87 -19.64
C VAL B 193 8.47 -4.96 -20.67
N GLU B 194 7.80 -6.03 -20.23
CA GLU B 194 7.46 -7.13 -21.13
C GLU B 194 6.00 -7.01 -21.60
N ARG B 195 5.05 -7.21 -20.70
CA ARG B 195 3.66 -7.23 -21.09
C ARG B 195 3.16 -5.90 -21.65
N TYR B 196 3.48 -4.81 -21.00
CA TYR B 196 2.97 -3.52 -21.46
C TYR B 196 3.80 -2.93 -22.60
N ASN B 197 4.92 -3.57 -22.94
CA ASN B 197 5.80 -3.11 -24.01
CA ASN B 197 5.80 -3.10 -24.02
C ASN B 197 6.20 -1.65 -23.80
N ALA B 198 6.56 -1.32 -22.55
CA ALA B 198 6.83 0.04 -22.17
C ALA B 198 8.31 0.28 -21.92
N ARG B 199 9.16 -0.60 -22.42
CA ARG B 199 10.60 -0.51 -22.19
C ARG B 199 11.22 0.82 -22.67
N ASP B 200 10.94 1.23 -23.91
CA ASP B 200 11.43 2.54 -24.42
C ASP B 200 10.68 3.70 -23.73
N LEU B 201 9.39 3.52 -23.54
CA LEU B 201 8.54 4.56 -22.98
C LEU B 201 9.05 5.05 -21.61
N VAL B 202 9.44 4.11 -20.73
CA VAL B 202 9.96 4.50 -19.43
C VAL B 202 11.48 4.64 -19.37
N GLY B 203 12.15 4.52 -20.53
CA GLY B 203 13.61 4.57 -20.59
C GLY B 203 14.25 3.53 -19.67
N PHE B 204 13.75 2.29 -19.75
CA PHE B 204 14.19 1.26 -18.82
C PHE B 204 15.69 0.96 -18.87
N ASP B 205 16.27 1.13 -20.06
CA ASP B 205 17.68 0.90 -20.35
C ASP B 205 18.59 1.55 -19.35
N GLN B 206 18.14 2.69 -18.81
CA GLN B 206 18.99 3.47 -17.93
C GLN B 206 19.07 2.96 -16.49
N PHE B 207 18.15 2.11 -16.10
CA PHE B 207 18.09 1.70 -14.69
C PHE B 207 18.85 0.39 -14.58
N LYS B 208 20.17 0.50 -14.56
CA LYS B 208 21.05 -0.67 -14.63
C LYS B 208 20.94 -1.53 -13.38
N GLU B 209 20.68 -0.92 -12.23
CA GLU B 209 20.57 -1.70 -11.00
C GLU B 209 19.25 -2.48 -10.99
N VAL B 210 18.17 -1.81 -11.37
CA VAL B 210 16.89 -2.51 -11.50
C VAL B 210 16.99 -3.67 -12.50
N GLN B 211 17.67 -3.43 -13.64
CA GLN B 211 17.83 -4.49 -14.64
C GLN B 211 18.59 -5.69 -14.07
N ARG B 212 19.68 -5.39 -13.35
CA ARG B 212 20.52 -6.42 -12.75
C ARG B 212 19.71 -7.29 -11.76
N VAL B 213 19.00 -6.63 -10.86
CA VAL B 213 18.26 -7.37 -9.83
C VAL B 213 17.07 -8.15 -10.44
N LEU B 214 16.38 -7.52 -11.39
CA LEU B 214 15.29 -8.19 -12.09
C LEU B 214 15.80 -9.46 -12.77
N ALA B 215 16.94 -9.37 -13.45
CA ALA B 215 17.52 -10.53 -14.11
C ALA B 215 17.82 -11.64 -13.11
N ASN B 216 18.38 -11.27 -11.95
CA ASN B 216 18.65 -12.26 -10.88
C ASN B 216 17.36 -12.90 -10.39
N PHE B 217 16.35 -12.07 -10.15
CA PHE B 217 15.05 -12.54 -9.72
C PHE B 217 14.48 -13.58 -10.68
N LEU B 218 14.53 -13.28 -11.97
CA LEU B 218 13.93 -14.15 -12.98
C LEU B 218 14.66 -15.48 -13.18
N GLU B 219 15.90 -15.57 -12.70
CA GLU B 219 16.64 -16.82 -12.72
C GLU B 219 16.24 -17.80 -11.61
N ARG B 220 15.55 -17.33 -10.59
CA ARG B 220 15.17 -18.21 -9.49
C ARG B 220 14.13 -19.23 -9.94
N PRO B 221 14.35 -20.52 -9.64
CA PRO B 221 13.38 -21.50 -10.10
C PRO B 221 11.97 -21.29 -9.57
N ALA B 222 11.87 -20.87 -8.31
CA ALA B 222 10.55 -20.61 -7.73
C ALA B 222 9.82 -19.48 -8.46
N VAL B 223 10.57 -18.50 -8.93
CA VAL B 223 10.03 -17.40 -9.71
C VAL B 223 9.54 -17.91 -11.07
N GLN B 224 10.38 -18.65 -11.78
CA GLN B 224 9.95 -19.21 -13.05
C GLN B 224 8.68 -20.05 -12.91
N HIS B 225 8.63 -20.85 -11.85
CA HIS B 225 7.47 -21.70 -11.65
C HIS B 225 6.24 -20.87 -11.27
N GLY B 226 6.41 -19.94 -10.34
CA GLY B 226 5.30 -19.14 -9.87
C GLY B 226 4.70 -18.23 -10.92
N LEU B 227 5.52 -17.79 -11.88
CA LEU B 227 5.04 -16.92 -12.96
C LEU B 227 3.95 -17.55 -13.82
N LYS B 228 3.87 -18.88 -13.83
CA LYS B 228 2.99 -19.60 -14.75
C LYS B 228 1.76 -20.19 -14.05
N ILE B 229 1.57 -19.85 -12.78
CA ILE B 229 0.53 -20.45 -11.95
C ILE B 229 -0.53 -19.41 -11.60
N PRO B 230 -1.82 -19.73 -11.74
CA PRO B 230 -2.41 -20.98 -12.22
C PRO B 230 -2.48 -21.03 -13.72
N GLY B 231 -2.22 -22.20 -14.28
CA GLY B 231 -2.20 -22.40 -15.73
C GLY B 231 -3.61 -22.55 -16.25
#